data_2OWW
#
_entry.id   2OWW
#
_cell.length_a   92.463
_cell.length_b   92.463
_cell.length_c   154.172
_cell.angle_alpha   90.00
_cell.angle_beta   90.00
_cell.angle_gamma   120.00
#
_symmetry.space_group_name_H-M   'P 31 2 1'
#
loop_
_entity.id
_entity.type
_entity.pdbx_description
1 polymer 4-alpha-glucanotransferase
2 branched 4,6-dideoxy-4-{[(1S,4R,5S,6S)-4,5,6-trihydroxy-3-(hydroxymethyl)cyclohex-2-en-1-yl]amino}-alpha-D-glucopyranose-(1-4)-alpha-D-glucopyranose
3 non-polymer 4-deoxy-alpha-D-glucopyranose
4 non-polymer 'MALONATE ION'
5 non-polymer GLYCEROL
6 water water
#
_entity_poly.entity_id   1
_entity_poly.type   'polypeptide(L)'
_entity_poly.pdbx_seq_one_letter_code
;GSHMELPRAFGLLLHPTSLPGPYGVGVLGQEARDFLRFLKEAGGRYWQVLPLGPTGYGDSPYQSFSAFAGNPYLIDLRPL
AERGYVRLEDPGFPQGRVDYGLLYAWKWPALKEAFRGFKEKASPEEREAFAAFREREAWWLEDYALFMALKGAHGGLPWN
RWPLPLRKREEKALREAKSALAEEVAFHAFTQWLFFRQWGALKAEAEALGIRIIGDMPIFVAEDSAEVWAHPEWFHLDEE
GRPTVVAGVPPDYFSETGQRWGNPLYRWDVLEREGFSFWIRRLEKALELFHLVRIDHFRGFEAYWEIPASCPTAVEGRWV
KAPGEKLFQKIQEVFGEVPVLAEDLGVITPEVEALRDRFGLPGMKVLQFAFD(SUI)MENPFLPHNYPAHGRVVVYTGTH
DNDTTLGWYRTATPHEKAFMARYLADWGITFREEEEVPWALMHLGMKSVARLAVYPVQDVLALGSEARMNYPGRPSGNWA
WRLLPGELSPEHGARLRAMAEATERL
;
_entity_poly.pdbx_strand_id   A
#
loop_
_chem_comp.id
_chem_comp.type
_chem_comp.name
_chem_comp.formula
AC1 D-saccharide 4,6-dideoxy-4-{[(1S,4R,5S,6S)-4,5,6-trihydroxy-3-(hydroxymethyl)cyclohex-2-en-1-yl]amino}-alpha-D-glucopyranose 'C13 H23 N O8'
G4D D-saccharide, alpha linking 4-deoxy-alpha-D-glucopyranose 'C6 H12 O5'
GLC D-saccharide, alpha linking alpha-D-glucopyranose 'C6 H12 O6'
GOL non-polymer GLYCEROL 'C3 H8 O3'
MLI non-polymer 'MALONATE ION' 'C3 H2 O4 -2'
#
# COMPACT_ATOMS: atom_id res chain seq x y z
N MET A 4 -21.72 -1.15 4.10
CA MET A 4 -20.74 -0.05 4.32
C MET A 4 -21.35 1.32 4.05
N GLU A 5 -21.38 2.18 5.07
CA GLU A 5 -21.94 3.53 4.93
C GLU A 5 -20.83 4.60 5.00
N LEU A 6 -20.58 5.23 3.85
CA LEU A 6 -19.57 6.28 3.73
C LEU A 6 -20.19 7.65 4.02
N PRO A 7 -19.66 8.38 5.01
CA PRO A 7 -20.15 9.73 5.21
C PRO A 7 -19.46 10.70 4.26
N ARG A 8 -20.01 11.90 4.11
CA ARG A 8 -19.40 12.92 3.28
C ARG A 8 -18.23 13.52 4.07
N ALA A 9 -17.01 13.26 3.61
CA ALA A 9 -15.82 13.62 4.39
C ALA A 9 -14.56 13.79 3.52
N PHE A 10 -13.46 14.18 4.15
CA PHE A 10 -12.16 14.19 3.50
C PHE A 10 -11.11 13.45 4.32
N GLY A 11 -10.04 13.07 3.63
CA GLY A 11 -8.89 12.44 4.25
C GLY A 11 -7.60 12.79 3.55
N LEU A 12 -6.50 12.26 4.09
CA LEU A 12 -5.18 12.49 3.53
C LEU A 12 -4.45 11.18 3.26
N LEU A 13 -3.75 11.14 2.13
CA LEU A 13 -2.93 9.99 1.73
C LEU A 13 -1.49 10.25 2.15
N LEU A 14 -1.00 9.45 3.10
CA LEU A 14 0.38 9.57 3.58
C LEU A 14 0.89 8.21 4.08
N HIS A 15 1.73 7.58 3.28
CA HIS A 15 2.39 6.35 3.68
C HIS A 15 3.26 6.63 4.91
N PRO A 16 3.23 5.73 5.92
CA PRO A 16 3.96 5.99 7.16
C PRO A 16 5.46 6.31 6.99
N THR A 17 6.11 5.73 5.97
CA THR A 17 7.52 5.99 5.69
C THR A 17 7.80 7.47 5.50
N SER A 18 6.81 8.20 4.98
CA SER A 18 6.93 9.64 4.68
C SER A 18 6.80 10.56 5.89
N LEU A 19 6.48 10.00 7.06
CA LEU A 19 6.42 10.81 8.28
C LEU A 19 7.78 11.41 8.60
N PRO A 20 7.80 12.58 9.30
CA PRO A 20 9.08 13.12 9.75
C PRO A 20 9.55 12.39 11.01
N GLY A 21 10.80 12.61 11.39
CA GLY A 21 11.35 12.01 12.61
C GLY A 21 12.76 11.51 12.41
N PRO A 22 13.44 11.17 13.53
CA PRO A 22 14.82 10.70 13.46
C PRO A 22 14.97 9.27 12.96
N TYR A 23 16.19 8.95 12.52
CA TYR A 23 16.64 7.58 12.22
C TYR A 23 16.23 7.06 10.84
N GLY A 24 16.02 7.97 9.88
CA GLY A 24 16.06 7.62 8.47
C GLY A 24 14.77 7.25 7.74
N VAL A 25 13.69 7.04 8.48
CA VAL A 25 12.42 6.64 7.89
C VAL A 25 11.30 6.96 8.88
N GLY A 26 10.11 7.24 8.35
CA GLY A 26 8.94 7.44 9.19
C GLY A 26 8.60 6.11 9.86
N VAL A 27 8.16 6.20 11.11
CA VAL A 27 7.90 5.01 11.93
C VAL A 27 6.58 5.14 12.70
N LEU A 28 6.17 4.05 13.35
CA LEU A 28 4.89 3.97 14.06
C LEU A 28 5.01 4.46 15.52
N GLY A 29 5.28 5.75 15.70
CA GLY A 29 5.47 6.34 17.02
C GLY A 29 4.87 7.73 17.14
N GLN A 30 5.60 8.63 17.82
CA GLN A 30 5.07 9.94 18.19
C GLN A 30 4.70 10.81 17.00
N GLU A 31 5.54 10.83 15.97
CA GLU A 31 5.27 11.66 14.81
C GLU A 31 4.02 11.18 14.07
N ALA A 32 3.77 9.87 14.10
CA ALA A 32 2.56 9.30 13.53
C ALA A 32 1.33 9.73 14.32
N ARG A 33 1.46 9.74 15.64
CA ARG A 33 0.41 10.23 16.53
C ARG A 33 0.16 11.71 16.27
N ASP A 34 1.23 12.49 16.12
CA ASP A 34 1.12 13.91 15.79
C ASP A 34 0.39 14.15 14.47
N PHE A 35 0.64 13.30 13.48
CA PHE A 35 -0.03 13.42 12.19
C PHE A 35 -1.54 13.17 12.31
N LEU A 36 -1.92 12.12 13.04
CA LEU A 36 -3.32 11.83 13.32
C LEU A 36 -4.03 12.98 14.06
N ARG A 37 -3.30 13.64 14.97
CA ARG A 37 -3.78 14.83 15.68
C ARG A 37 -3.95 15.99 14.71
N PHE A 38 -2.94 16.20 13.87
CA PHE A 38 -3.05 17.20 12.80
C PHE A 38 -4.30 16.95 11.95
N LEU A 39 -4.51 15.69 11.58
CA LEU A 39 -5.59 15.29 10.68
C LEU A 39 -6.95 15.56 11.34
N LYS A 40 -7.07 15.21 12.61
CA LYS A 40 -8.27 15.46 13.41
C LYS A 40 -8.60 16.96 13.46
N GLU A 41 -7.61 17.78 13.80
CA GLU A 41 -7.79 19.24 13.87
C GLU A 41 -8.08 19.90 12.50
N ALA A 42 -7.62 19.28 11.43
CA ALA A 42 -7.95 19.69 10.07
C ALA A 42 -9.38 19.32 9.65
N GLY A 43 -10.05 18.51 10.47
CA GLY A 43 -11.39 18.02 10.16
C GLY A 43 -11.40 16.76 9.32
N GLY A 44 -10.21 16.20 9.08
CA GLY A 44 -10.10 14.96 8.31
C GLY A 44 -10.58 13.76 9.10
N ARG A 45 -11.21 12.82 8.42
CA ARG A 45 -11.70 11.61 9.04
C ARG A 45 -11.10 10.31 8.48
N TYR A 46 -10.19 10.44 7.50
CA TYR A 46 -9.56 9.28 6.87
C TYR A 46 -8.07 9.48 6.66
N TRP A 47 -7.31 8.42 6.95
CA TRP A 47 -5.88 8.35 6.67
C TRP A 47 -5.63 7.21 5.73
N GLN A 48 -5.16 7.51 4.51
CA GLN A 48 -4.84 6.45 3.57
C GLN A 48 -3.35 6.15 3.53
N VAL A 49 -3.02 4.87 3.57
CA VAL A 49 -1.65 4.38 3.48
C VAL A 49 -1.55 3.38 2.34
N LEU A 50 -0.33 3.01 1.99
CA LEU A 50 -0.09 1.98 0.99
C LEU A 50 0.16 0.66 1.75
N PRO A 51 0.31 -0.45 1.03
CA PRO A 51 0.59 -1.71 1.75
C PRO A 51 1.79 -1.61 2.72
N LEU A 52 1.66 -2.27 3.87
CA LEU A 52 2.60 -2.11 4.97
C LEU A 52 3.55 -3.29 5.18
N GLY A 53 3.70 -4.15 4.17
CA GLY A 53 4.57 -5.31 4.30
C GLY A 53 6.05 -5.03 4.03
N PRO A 54 6.90 -6.04 4.29
CA PRO A 54 8.35 -5.91 4.08
C PRO A 54 8.72 -5.83 2.60
N THR A 55 9.61 -4.91 2.28
CA THR A 55 9.97 -4.64 0.90
C THR A 55 11.35 -5.23 0.56
N GLY A 56 11.54 -5.48 -0.73
CA GLY A 56 12.81 -5.93 -1.26
C GLY A 56 13.38 -4.88 -2.20
N TYR A 57 14.06 -5.33 -3.26
CA TYR A 57 14.69 -4.46 -4.25
C TYR A 57 13.65 -3.60 -4.98
N GLY A 58 13.89 -2.30 -5.04
CA GLY A 58 12.91 -1.34 -5.53
C GLY A 58 12.18 -0.62 -4.41
N ASP A 59 12.09 -1.26 -3.25
CA ASP A 59 11.47 -0.68 -2.03
C ASP A 59 9.96 -0.46 -2.15
N SER A 60 9.32 -1.19 -3.07
CA SER A 60 7.90 -1.03 -3.35
C SER A 60 7.05 -1.77 -2.33
N PRO A 61 6.08 -1.07 -1.71
CA PRO A 61 5.01 -1.72 -0.94
C PRO A 61 4.23 -2.80 -1.71
N TYR A 62 4.22 -2.71 -3.05
CA TYR A 62 3.37 -3.57 -3.90
C TYR A 62 4.05 -4.85 -4.36
N GLN A 63 5.27 -5.07 -3.88
CA GLN A 63 5.99 -6.32 -4.16
C GLN A 63 6.69 -6.76 -2.87
N SER A 64 5.91 -7.31 -1.94
CA SER A 64 6.38 -7.61 -0.59
C SER A 64 6.76 -9.09 -0.46
N PHE A 65 7.72 -9.36 0.43
CA PHE A 65 8.12 -10.72 0.77
C PHE A 65 7.01 -11.53 1.44
N SER A 66 5.93 -10.85 1.86
CA SER A 66 4.78 -11.52 2.44
C SER A 66 3.50 -10.69 2.30
N ALA A 67 2.40 -11.36 2.01
CA ALA A 67 1.08 -10.75 1.99
C ALA A 67 0.52 -10.51 3.39
N PHE A 68 1.20 -11.02 4.42
CA PHE A 68 0.73 -10.90 5.80
C PHE A 68 1.66 -10.13 6.73
N ALA A 69 2.95 -10.12 6.44
CA ALA A 69 3.94 -9.54 7.33
C ALA A 69 3.89 -8.02 7.31
N GLY A 70 4.38 -7.40 8.38
CA GLY A 70 4.53 -5.97 8.47
C GLY A 70 5.96 -5.56 8.19
N ASN A 71 6.13 -4.33 7.71
CA ASN A 71 7.44 -3.78 7.35
C ASN A 71 8.28 -3.45 8.58
N PRO A 72 9.38 -4.21 8.81
CA PRO A 72 10.24 -3.86 9.95
C PRO A 72 10.85 -2.44 9.92
N TYR A 73 10.96 -1.84 8.74
CA TYR A 73 11.47 -0.46 8.64
C TYR A 73 10.55 0.54 9.32
N LEU A 74 9.26 0.20 9.42
CA LEU A 74 8.29 1.03 10.11
C LEU A 74 8.33 0.91 11.63
N ILE A 75 9.16 0.00 12.15
CA ILE A 75 9.28 -0.18 13.59
C ILE A 75 10.01 1.00 14.23
N ASP A 76 9.38 1.61 15.22
CA ASP A 76 9.99 2.66 16.02
C ASP A 76 10.97 1.97 16.96
N LEU A 77 12.22 2.40 16.91
CA LEU A 77 13.27 1.80 17.75
C LEU A 77 13.39 2.51 19.11
N ARG A 78 12.87 3.72 19.22
CA ARG A 78 12.97 4.51 20.47
C ARG A 78 12.39 3.82 21.71
N PRO A 79 11.19 3.22 21.61
CA PRO A 79 10.67 2.48 22.77
C PRO A 79 11.58 1.35 23.23
N LEU A 80 12.26 0.71 22.27
CA LEU A 80 13.20 -0.36 22.58
C LEU A 80 14.48 0.19 23.21
N ALA A 81 14.90 1.38 22.79
CA ALA A 81 16.08 2.04 23.38
C ALA A 81 15.81 2.44 24.83
N GLU A 82 14.61 2.94 25.09
CA GLU A 82 14.17 3.29 26.46
C GLU A 82 14.27 2.11 27.43
N ARG A 83 14.03 0.90 26.93
CA ARG A 83 14.13 -0.30 27.75
C ARG A 83 15.54 -0.89 27.79
N GLY A 84 16.51 -0.19 27.20
CA GLY A 84 17.89 -0.63 27.20
C GLY A 84 18.24 -1.77 26.25
N TYR A 85 17.36 -2.09 25.31
CA TYR A 85 17.63 -3.18 24.37
C TYR A 85 18.65 -2.81 23.29
N VAL A 86 18.79 -1.51 23.01
CA VAL A 86 19.65 -1.05 21.91
C VAL A 86 20.11 0.38 22.16
N ARG A 87 21.28 0.73 21.60
CA ARG A 87 21.79 2.10 21.63
C ARG A 87 21.68 2.65 20.22
N LEU A 88 20.95 3.76 20.07
CA LEU A 88 20.70 4.35 18.76
C LEU A 88 21.64 5.52 18.50
N GLU A 89 22.22 5.53 17.31
CA GLU A 89 23.12 6.60 16.87
C GLU A 89 22.74 6.98 15.44
N ASP A 90 22.60 8.27 15.16
CA ASP A 90 22.28 8.74 13.81
C ASP A 90 23.54 8.67 12.94
N PRO A 91 23.50 7.86 11.87
CA PRO A 91 24.62 7.81 10.90
C PRO A 91 24.65 8.96 9.89
N GLY A 92 23.65 9.82 9.88
CA GLY A 92 23.60 10.94 8.95
C GLY A 92 22.59 10.71 7.84
N PHE A 93 21.35 10.49 8.23
CA PHE A 93 20.26 10.33 7.28
C PHE A 93 19.91 11.67 6.65
N PRO A 94 19.55 11.68 5.35
CA PRO A 94 19.20 12.93 4.72
C PRO A 94 17.87 13.52 5.19
N GLN A 95 17.62 14.75 4.79
CA GLN A 95 16.36 15.43 5.05
C GLN A 95 15.47 15.23 3.84
N GLY A 96 14.19 14.98 4.09
CA GLY A 96 13.19 15.01 3.02
C GLY A 96 13.11 13.79 2.14
N ARG A 97 13.88 12.75 2.45
CA ARG A 97 13.81 11.51 1.69
C ARG A 97 14.36 10.33 2.45
N VAL A 98 13.89 9.14 2.10
CA VAL A 98 14.41 7.89 2.63
C VAL A 98 15.59 7.49 1.77
N ASP A 99 16.73 7.29 2.41
CA ASP A 99 17.86 6.61 1.80
C ASP A 99 17.75 5.16 2.20
N TYR A 100 17.19 4.36 1.30
CA TYR A 100 16.93 2.96 1.57
C TYR A 100 18.21 2.12 1.69
N GLY A 101 19.26 2.53 0.99
CA GLY A 101 20.56 1.89 1.12
C GLY A 101 21.10 2.03 2.53
N LEU A 102 21.13 3.25 3.04
CA LEU A 102 21.63 3.51 4.40
C LEU A 102 20.69 2.94 5.47
N LEU A 103 19.38 3.04 5.22
CA LEU A 103 18.37 2.43 6.09
C LEU A 103 18.57 0.93 6.20
N TYR A 104 18.80 0.29 5.06
CA TYR A 104 19.11 -1.15 5.04
C TYR A 104 20.36 -1.46 5.87
N ALA A 105 21.42 -0.68 5.65
CA ALA A 105 22.70 -0.89 6.33
C ALA A 105 22.62 -0.63 7.84
N TRP A 106 21.76 0.28 8.27
CA TRP A 106 21.73 0.69 9.68
C TRP A 106 20.57 0.07 10.46
N LYS A 107 19.40 -0.04 9.84
CA LYS A 107 18.22 -0.42 10.61
C LYS A 107 18.15 -1.90 10.91
N TRP A 108 18.54 -2.75 9.97
CA TRP A 108 18.55 -4.20 10.23
C TRP A 108 19.48 -4.61 11.38
N PRO A 109 20.75 -4.15 11.36
CA PRO A 109 21.61 -4.37 12.52
C PRO A 109 21.06 -3.80 13.83
N ALA A 110 20.45 -2.63 13.77
CA ALA A 110 19.85 -2.01 14.95
C ALA A 110 18.70 -2.86 15.48
N LEU A 111 17.92 -3.45 14.57
CA LEU A 111 16.84 -4.36 14.97
C LEU A 111 17.36 -5.65 15.60
N LYS A 112 18.40 -6.23 14.99
CA LYS A 112 19.05 -7.43 15.50
C LYS A 112 19.69 -7.18 16.88
N GLU A 113 20.29 -6.00 17.05
CA GLU A 113 20.87 -5.61 18.34
C GLU A 113 19.78 -5.49 19.42
N ALA A 114 18.63 -4.91 19.04
CA ALA A 114 17.47 -4.82 19.93
C ALA A 114 16.92 -6.18 20.34
N PHE A 115 16.96 -7.13 19.41
CA PHE A 115 16.49 -8.49 19.67
C PHE A 115 17.39 -9.22 20.68
N ARG A 116 18.70 -9.05 20.54
CA ARG A 116 19.65 -9.66 21.47
C ARG A 116 19.53 -9.00 22.84
N GLY A 117 19.39 -7.68 22.86
CA GLY A 117 19.11 -6.96 24.11
C GLY A 117 17.80 -7.37 24.76
N PHE A 118 16.80 -7.69 23.95
CA PHE A 118 15.49 -8.15 24.43
C PHE A 118 15.62 -9.51 25.09
N LYS A 119 16.26 -10.46 24.42
CA LYS A 119 16.51 -11.78 24.99
C LYS A 119 17.32 -11.69 26.30
N GLU A 120 18.15 -10.65 26.42
CA GLU A 120 18.97 -10.43 27.59
C GLU A 120 18.15 -9.86 28.75
N LYS A 121 17.45 -8.75 28.50
CA LYS A 121 16.89 -7.90 29.56
C LYS A 121 15.37 -7.89 29.68
N ALA A 122 14.66 -8.60 28.79
CA ALA A 122 13.19 -8.52 28.77
C ALA A 122 12.57 -9.22 29.97
N SER A 123 11.58 -8.58 30.56
CA SER A 123 10.79 -9.17 31.64
C SER A 123 10.04 -10.41 31.14
N PRO A 124 9.82 -11.40 32.03
CA PRO A 124 9.03 -12.59 31.68
C PRO A 124 7.68 -12.29 30.99
N GLU A 125 7.03 -11.20 31.39
CA GLU A 125 5.76 -10.80 30.79
C GLU A 125 5.88 -10.52 29.29
N GLU A 126 6.96 -9.86 28.90
CA GLU A 126 7.21 -9.50 27.50
C GLU A 126 7.54 -10.73 26.66
N ARG A 127 8.29 -11.67 27.24
CA ARG A 127 8.65 -12.91 26.57
C ARG A 127 7.42 -13.78 26.30
N GLU A 128 6.49 -13.79 27.25
CA GLU A 128 5.27 -14.55 27.13
C GLU A 128 4.31 -13.92 26.12
N ALA A 129 4.25 -12.58 26.10
CA ALA A 129 3.47 -11.87 25.09
C ALA A 129 4.00 -12.16 23.68
N PHE A 130 5.32 -12.11 23.52
CA PHE A 130 5.98 -12.43 22.25
C PHE A 130 5.67 -13.86 21.81
N ALA A 131 5.79 -14.80 22.73
CA ALA A 131 5.53 -16.21 22.45
C ALA A 131 4.07 -16.47 22.08
N ALA A 132 3.16 -15.74 22.74
CA ALA A 132 1.73 -15.85 22.49
C ALA A 132 1.39 -15.37 21.08
N PHE A 133 1.93 -14.20 20.73
CA PHE A 133 1.84 -13.66 19.37
C PHE A 133 2.25 -14.69 18.32
N ARG A 134 3.40 -15.34 18.55
CA ARG A 134 3.92 -16.33 17.62
C ARG A 134 2.96 -17.50 17.40
N GLU A 135 2.41 -18.02 18.50
CA GLU A 135 1.43 -19.11 18.46
C GLU A 135 0.19 -18.70 17.69
N ARG A 136 -0.26 -17.48 17.97
CA ARG A 136 -1.45 -16.90 17.37
C ARG A 136 -1.30 -16.71 15.84
N GLU A 137 -0.11 -16.30 15.40
CA GLU A 137 0.12 -15.96 13.99
C GLU A 137 0.88 -17.04 13.21
N ALA A 138 1.11 -18.19 13.85
CA ALA A 138 1.90 -19.26 13.27
C ALA A 138 1.51 -19.68 11.85
N TRP A 139 0.22 -19.57 11.53
CA TRP A 139 -0.30 -20.04 10.23
C TRP A 139 0.27 -19.32 9.00
N TRP A 140 0.82 -18.12 9.20
CA TRP A 140 1.63 -17.43 8.19
C TRP A 140 3.03 -17.11 8.69
N LEU A 141 3.16 -16.83 9.99
CA LEU A 141 4.41 -16.37 10.59
C LEU A 141 5.54 -17.42 10.55
N GLU A 142 5.21 -18.69 10.73
CA GLU A 142 6.24 -19.72 10.66
C GLU A 142 6.90 -19.75 9.29
N ASP A 143 6.09 -19.69 8.25
CA ASP A 143 6.57 -19.61 6.86
C ASP A 143 7.37 -18.34 6.57
N TYR A 144 6.89 -17.20 7.05
CA TYR A 144 7.55 -15.92 6.74
C TYR A 144 8.92 -15.86 7.39
N ALA A 145 8.98 -16.19 8.67
CA ALA A 145 10.20 -16.06 9.44
C ALA A 145 11.25 -17.03 8.89
N LEU A 146 10.86 -18.25 8.57
CA LEU A 146 11.78 -19.22 7.97
C LEU A 146 12.23 -18.81 6.56
N PHE A 147 11.28 -18.33 5.74
CA PHE A 147 11.57 -17.78 4.41
C PHE A 147 12.66 -16.70 4.51
N MET A 148 12.47 -15.74 5.42
CA MET A 148 13.46 -14.68 5.62
C MET A 148 14.77 -15.25 6.15
N ALA A 149 14.68 -16.12 7.16
CA ALA A 149 15.87 -16.77 7.72
C ALA A 149 16.68 -17.49 6.64
N LEU A 150 15.99 -18.22 5.76
CA LEU A 150 16.65 -18.98 4.70
C LEU A 150 17.38 -18.12 3.67
N LYS A 151 16.99 -16.86 3.53
CA LYS A 151 17.71 -15.94 2.63
C LYS A 151 19.14 -15.64 3.11
N GLY A 152 19.34 -15.65 4.43
CA GLY A 152 20.66 -15.48 5.02
C GLY A 152 21.54 -16.71 4.87
N ALA A 153 20.92 -17.86 4.65
CA ALA A 153 21.63 -19.09 4.39
C ALA A 153 21.98 -19.27 2.91
N HIS A 154 21.41 -18.44 2.04
CA HIS A 154 21.56 -18.65 0.60
C HIS A 154 21.72 -17.36 -0.19
N GLY A 155 22.47 -16.42 0.38
CA GLY A 155 22.93 -15.24 -0.34
C GLY A 155 21.85 -14.29 -0.81
N GLY A 156 20.68 -14.32 -0.16
CA GLY A 156 19.56 -13.47 -0.54
C GLY A 156 18.82 -13.95 -1.78
N LEU A 157 19.09 -15.19 -2.20
CA LEU A 157 18.43 -15.75 -3.37
C LEU A 157 16.92 -15.80 -3.14
N PRO A 158 16.14 -15.71 -4.24
CA PRO A 158 14.71 -15.92 -4.13
C PRO A 158 14.44 -17.39 -3.86
N TRP A 159 13.30 -17.70 -3.25
CA TRP A 159 12.99 -19.08 -2.84
C TRP A 159 13.13 -20.09 -3.99
N ASN A 160 12.73 -19.68 -5.20
CA ASN A 160 12.75 -20.56 -6.36
C ASN A 160 14.15 -20.71 -6.99
N ARG A 161 15.18 -20.19 -6.32
CA ARG A 161 16.56 -20.51 -6.66
C ARG A 161 17.29 -21.25 -5.54
N TRP A 162 16.57 -21.60 -4.46
CA TRP A 162 17.15 -22.36 -3.36
C TRP A 162 17.32 -23.85 -3.70
N PRO A 163 18.19 -24.57 -2.95
CA PRO A 163 18.31 -26.00 -3.18
C PRO A 163 16.94 -26.68 -3.16
N LEU A 164 16.74 -27.65 -4.06
CA LEU A 164 15.42 -28.22 -4.28
C LEU A 164 14.74 -28.73 -3.02
N PRO A 165 15.49 -29.39 -2.10
CA PRO A 165 14.79 -29.87 -0.90
C PRO A 165 14.12 -28.75 -0.11
N LEU A 166 14.75 -27.57 -0.10
CA LEU A 166 14.17 -26.41 0.57
C LEU A 166 13.10 -25.78 -0.33
N ARG A 167 13.45 -25.58 -1.60
CA ARG A 167 12.52 -25.01 -2.56
C ARG A 167 11.20 -25.76 -2.56
N LYS A 168 11.28 -27.09 -2.57
CA LYS A 168 10.11 -27.96 -2.63
C LYS A 168 9.51 -28.25 -1.25
N ARG A 169 10.05 -27.61 -0.23
CA ARG A 169 9.53 -27.72 1.14
C ARG A 169 9.40 -29.16 1.64
N GLU A 170 10.49 -29.91 1.50
CA GLU A 170 10.55 -31.24 2.06
C GLU A 170 10.53 -31.16 3.59
N GLU A 171 9.87 -32.13 4.19
CA GLU A 171 9.58 -32.14 5.61
C GLU A 171 10.85 -32.14 6.46
N LYS A 172 11.82 -33.00 6.11
CA LYS A 172 13.07 -33.08 6.86
C LYS A 172 13.91 -31.82 6.64
N ALA A 173 14.06 -31.41 5.38
CA ALA A 173 14.78 -30.18 5.05
C ALA A 173 14.27 -28.99 5.87
N LEU A 174 12.95 -28.81 5.89
CA LEU A 174 12.31 -27.73 6.66
C LEU A 174 12.57 -27.85 8.17
N ARG A 175 12.47 -29.07 8.70
CA ARG A 175 12.65 -29.32 10.13
C ARG A 175 14.09 -29.00 10.56
N GLU A 176 15.04 -29.47 9.76
CA GLU A 176 16.46 -29.19 10.00
C GLU A 176 16.74 -27.68 9.92
N ALA A 177 16.18 -27.03 8.90
CA ALA A 177 16.40 -25.60 8.70
C ALA A 177 15.84 -24.81 9.89
N LYS A 178 14.62 -25.12 10.32
CA LYS A 178 13.99 -24.43 11.44
C LYS A 178 14.81 -24.58 12.71
N SER A 179 15.41 -25.75 12.87
CA SER A 179 16.28 -26.02 14.02
C SER A 179 17.60 -25.25 13.90
N ALA A 180 18.28 -25.39 12.77
CA ALA A 180 19.55 -24.69 12.55
C ALA A 180 19.41 -23.16 12.57
N LEU A 181 18.31 -22.64 12.08
CA LEU A 181 18.10 -21.19 11.98
C LEU A 181 17.12 -20.68 13.04
N ALA A 182 17.07 -21.38 14.17
CA ALA A 182 16.09 -21.07 15.22
C ALA A 182 16.15 -19.62 15.66
N GLU A 183 17.37 -19.11 15.88
CA GLU A 183 17.59 -17.73 16.30
C GLU A 183 17.17 -16.70 15.25
N GLU A 184 17.50 -16.96 13.99
CA GLU A 184 17.15 -16.06 12.88
C GLU A 184 15.64 -16.06 12.67
N VAL A 185 15.05 -17.24 12.76
CA VAL A 185 13.59 -17.40 12.69
C VAL A 185 12.93 -16.58 13.79
N ALA A 186 13.51 -16.63 15.00
CA ALA A 186 12.98 -15.91 16.15
C ALA A 186 13.11 -14.40 16.00
N PHE A 187 14.20 -13.95 15.37
CA PHE A 187 14.40 -12.52 15.14
C PHE A 187 13.35 -11.95 14.20
N HIS A 188 13.09 -12.65 13.10
CA HIS A 188 12.05 -12.20 12.18
C HIS A 188 10.67 -12.20 12.83
N ALA A 189 10.38 -13.22 13.65
CA ALA A 189 9.14 -13.26 14.44
C ALA A 189 9.03 -12.04 15.35
N PHE A 190 10.15 -11.69 15.99
CA PHE A 190 10.24 -10.51 16.87
C PHE A 190 9.95 -9.20 16.15
N THR A 191 10.45 -9.05 14.91
CA THR A 191 10.18 -7.85 14.11
C THR A 191 8.68 -7.71 13.84
N GLN A 192 8.01 -8.85 13.65
CA GLN A 192 6.57 -8.88 13.40
C GLN A 192 5.75 -8.56 14.64
N TRP A 193 6.15 -9.11 15.78
CA TRP A 193 5.51 -8.81 17.06
C TRP A 193 5.56 -7.32 17.34
N LEU A 194 6.73 -6.72 17.17
CA LEU A 194 6.89 -5.28 17.35
C LEU A 194 6.05 -4.46 16.36
N PHE A 195 6.03 -4.86 15.09
CA PHE A 195 5.26 -4.15 14.08
C PHE A 195 3.76 -4.13 14.44
N PHE A 196 3.22 -5.29 14.74
CA PHE A 196 1.79 -5.41 14.97
C PHE A 196 1.33 -4.81 16.29
N ARG A 197 2.20 -4.84 17.29
CA ARG A 197 1.96 -4.15 18.54
C ARG A 197 1.93 -2.63 18.33
N GLN A 198 2.94 -2.11 17.62
CA GLN A 198 3.05 -0.68 17.38
C GLN A 198 1.94 -0.18 16.45
N TRP A 199 1.57 -1.00 15.46
CA TRP A 199 0.47 -0.64 14.58
C TRP A 199 -0.87 -0.64 15.33
N GLY A 200 -1.12 -1.70 16.09
CA GLY A 200 -2.34 -1.80 16.90
C GLY A 200 -2.51 -0.62 17.83
N ALA A 201 -1.43 -0.23 18.49
CA ALA A 201 -1.41 1.01 19.30
C ALA A 201 -1.80 2.24 18.47
N LEU A 202 -1.21 2.38 17.28
CA LEU A 202 -1.50 3.51 16.41
C LEU A 202 -2.93 3.47 15.86
N LYS A 203 -3.46 2.28 15.64
CA LYS A 203 -4.84 2.13 15.20
C LYS A 203 -5.82 2.58 16.27
N ALA A 204 -5.52 2.24 17.53
CA ALA A 204 -6.34 2.64 18.68
C ALA A 204 -6.33 4.16 18.85
N GLU A 205 -5.18 4.77 18.61
CA GLU A 205 -5.06 6.22 18.64
C GLU A 205 -5.95 6.86 17.56
N ALA A 206 -5.88 6.34 16.33
CA ALA A 206 -6.73 6.82 15.24
C ALA A 206 -8.21 6.74 15.64
N GLU A 207 -8.58 5.60 16.22
CA GLU A 207 -9.96 5.34 16.62
C GLU A 207 -10.44 6.31 17.69
N ALA A 208 -9.58 6.63 18.67
CA ALA A 208 -9.93 7.61 19.68
C ALA A 208 -10.16 8.99 19.08
N LEU A 209 -9.43 9.31 18.01
CA LEU A 209 -9.55 10.61 17.34
C LEU A 209 -10.58 10.64 16.21
N GLY A 210 -11.39 9.59 16.09
CA GLY A 210 -12.43 9.54 15.09
C GLY A 210 -11.90 9.42 13.67
N ILE A 211 -10.74 8.79 13.52
CA ILE A 211 -10.09 8.63 12.24
C ILE A 211 -10.14 7.17 11.81
N ARG A 212 -10.52 6.96 10.55
CA ARG A 212 -10.49 5.65 9.92
C ARG A 212 -9.29 5.53 8.97
N ILE A 213 -8.67 4.37 8.96
CA ILE A 213 -7.46 4.13 8.20
C ILE A 213 -7.83 3.33 6.96
N ILE A 214 -7.50 3.88 5.80
CA ILE A 214 -7.69 3.20 4.54
C ILE A 214 -6.41 2.48 4.18
N GLY A 215 -6.48 1.15 4.15
CA GLY A 215 -5.36 0.32 3.73
C GLY A 215 -5.45 -0.04 2.26
N ASP A 216 -4.52 -0.86 1.81
CA ASP A 216 -4.34 -1.16 0.41
C ASP A 216 -3.76 -2.56 0.27
N MET A 217 -4.25 -3.30 -0.72
CA MET A 217 -3.63 -4.58 -1.04
C MET A 217 -3.58 -4.85 -2.53
N PRO A 218 -2.40 -5.21 -3.04
CA PRO A 218 -2.34 -5.59 -4.44
C PRO A 218 -3.14 -6.85 -4.70
N ILE A 219 -3.76 -6.94 -5.87
CA ILE A 219 -4.47 -8.15 -6.27
C ILE A 219 -3.47 -9.29 -6.38
N PHE A 220 -2.35 -9.03 -7.04
CA PHE A 220 -1.32 -10.04 -7.24
C PHE A 220 -0.22 -9.91 -6.19
N VAL A 221 0.21 -11.03 -5.64
CA VAL A 221 1.31 -11.08 -4.68
C VAL A 221 2.64 -11.21 -5.41
N ALA A 222 3.73 -11.15 -4.67
CA ALA A 222 5.08 -11.11 -5.27
C ALA A 222 5.68 -12.49 -5.51
N GLU A 223 6.43 -12.64 -6.59
CA GLU A 223 7.05 -13.92 -6.95
C GLU A 223 7.91 -14.46 -5.83
N ASP A 224 8.83 -13.63 -5.35
CA ASP A 224 9.68 -14.01 -4.25
C ASP A 224 8.99 -13.64 -2.94
N SER A 225 8.02 -14.48 -2.54
CA SER A 225 7.30 -14.27 -1.28
C SER A 225 7.03 -15.60 -0.58
N ALA A 226 6.91 -15.53 0.75
CA ALA A 226 6.73 -16.72 1.59
C ALA A 226 5.50 -17.56 1.23
N GLU A 227 4.40 -16.90 0.86
CA GLU A 227 3.13 -17.59 0.58
C GLU A 227 3.16 -18.28 -0.77
N VAL A 228 3.89 -17.69 -1.72
CA VAL A 228 4.11 -18.34 -3.01
C VAL A 228 4.97 -19.60 -2.80
N TRP A 229 6.03 -19.46 -2.02
CA TRP A 229 6.89 -20.59 -1.65
C TRP A 229 6.10 -21.70 -0.94
N ALA A 230 5.23 -21.30 -0.02
CA ALA A 230 4.41 -22.27 0.73
C ALA A 230 3.27 -22.91 -0.09
N HIS A 231 2.77 -22.21 -1.12
CA HIS A 231 1.64 -22.71 -1.92
C HIS A 231 1.86 -22.58 -3.43
N PRO A 232 2.91 -23.22 -3.96
CA PRO A 232 3.21 -23.05 -5.38
C PRO A 232 2.09 -23.52 -6.32
N GLU A 233 1.30 -24.49 -5.87
CA GLU A 233 0.16 -25.02 -6.66
C GLU A 233 -0.90 -23.96 -6.95
N TRP A 234 -0.97 -22.92 -6.13
CA TRP A 234 -1.90 -21.82 -6.35
C TRP A 234 -1.49 -20.87 -7.48
N PHE A 235 -0.33 -21.08 -8.08
CA PHE A 235 0.21 -20.13 -9.06
C PHE A 235 0.69 -20.84 -10.32
N HIS A 236 0.77 -20.07 -11.41
CA HIS A 236 1.25 -20.60 -12.69
C HIS A 236 2.78 -20.63 -12.70
N LEU A 237 3.35 -21.64 -12.07
CA LEU A 237 4.79 -21.82 -12.01
C LEU A 237 5.19 -23.12 -12.71
N ASP A 238 6.40 -23.15 -13.23
CA ASP A 238 6.95 -24.37 -13.82
C ASP A 238 7.53 -25.29 -12.75
N GLU A 239 8.14 -26.39 -13.18
CA GLU A 239 8.67 -27.42 -12.29
C GLU A 239 9.78 -26.86 -11.39
N GLU A 240 10.46 -25.80 -11.85
CA GLU A 240 11.49 -25.12 -11.08
C GLU A 240 10.95 -23.99 -10.18
N GLY A 241 9.63 -23.81 -10.15
CA GLY A 241 9.01 -22.78 -9.31
C GLY A 241 9.01 -21.39 -9.93
N ARG A 242 9.32 -21.32 -11.23
CA ARG A 242 9.40 -20.04 -11.95
C ARG A 242 8.10 -19.80 -12.72
N PRO A 243 7.61 -18.54 -12.72
CA PRO A 243 6.40 -18.20 -13.47
C PRO A 243 6.49 -18.49 -14.98
N THR A 244 5.51 -19.23 -15.49
CA THR A 244 5.39 -19.45 -16.92
C THR A 244 4.70 -18.26 -17.59
N VAL A 245 3.85 -17.57 -16.83
CA VAL A 245 3.19 -16.33 -17.25
C VAL A 245 3.26 -15.33 -16.11
N VAL A 246 3.11 -14.04 -16.44
CA VAL A 246 3.21 -12.97 -15.45
C VAL A 246 2.15 -11.89 -15.62
N ALA A 247 1.99 -11.10 -14.55
CA ALA A 247 0.96 -10.10 -14.45
C ALA A 247 1.40 -8.81 -15.12
N GLY A 248 0.44 -7.97 -15.46
CA GLY A 248 0.71 -6.66 -16.05
C GLY A 248 -0.53 -6.06 -16.70
N VAL A 249 -0.35 -4.96 -17.40
CA VAL A 249 -1.42 -4.32 -18.18
C VAL A 249 -0.96 -4.08 -19.62
N PRO A 250 -1.87 -4.25 -20.59
CA PRO A 250 -1.53 -4.22 -22.03
C PRO A 250 -1.01 -2.86 -22.49
N PRO A 251 -0.48 -2.81 -23.73
CA PRO A 251 -0.05 -1.55 -24.33
C PRO A 251 -1.10 -0.47 -24.12
N ASP A 252 -0.87 0.41 -23.14
CA ASP A 252 -1.83 1.44 -22.79
C ASP A 252 -1.81 2.57 -23.82
N TYR A 253 -2.77 3.48 -23.68
CA TYR A 253 -2.66 4.83 -24.22
C TYR A 253 -1.37 5.44 -23.66
N PHE A 254 -1.22 5.35 -22.33
CA PHE A 254 -0.03 5.82 -21.61
C PHE A 254 1.25 5.11 -22.08
N SER A 255 1.45 3.87 -21.63
CA SER A 255 2.66 3.09 -21.96
C SER A 255 2.45 2.32 -23.27
N GLU A 256 3.29 2.61 -24.27
CA GLU A 256 3.16 2.00 -25.60
C GLU A 256 3.45 0.49 -25.60
N THR A 257 4.33 0.06 -24.68
CA THR A 257 4.63 -1.36 -24.48
C THR A 257 3.92 -1.94 -23.25
N GLY A 258 3.34 -1.06 -22.42
CA GLY A 258 2.53 -1.46 -21.25
C GLY A 258 3.27 -1.43 -19.92
N GLN A 259 2.74 -2.14 -18.92
CA GLN A 259 3.45 -2.42 -17.68
C GLN A 259 3.59 -3.93 -17.52
N ARG A 260 4.82 -4.40 -17.46
CA ARG A 260 5.10 -5.82 -17.21
C ARG A 260 5.48 -5.99 -15.75
N TRP A 261 4.46 -6.19 -14.90
CA TRP A 261 4.65 -6.20 -13.45
C TRP A 261 5.50 -7.37 -12.97
N GLY A 262 5.36 -8.52 -13.61
CA GLY A 262 6.17 -9.71 -13.29
C GLY A 262 5.61 -10.65 -12.24
N ASN A 263 4.53 -10.25 -11.56
CA ASN A 263 3.94 -11.08 -10.50
C ASN A 263 3.47 -12.44 -11.01
N PRO A 264 3.54 -13.47 -10.14
CA PRO A 264 2.93 -14.74 -10.51
C PRO A 264 1.41 -14.61 -10.61
N LEU A 265 0.81 -15.36 -11.52
CA LEU A 265 -0.63 -15.33 -11.72
C LEU A 265 -1.29 -16.50 -11.00
N TYR A 266 -2.50 -16.26 -10.48
CA TYR A 266 -3.22 -17.28 -9.75
C TYR A 266 -3.72 -18.36 -10.69
N ARG A 267 -3.72 -19.61 -10.20
CA ARG A 267 -4.53 -20.66 -10.80
C ARG A 267 -5.87 -20.57 -10.10
N TRP A 268 -6.77 -19.78 -10.67
CA TRP A 268 -8.04 -19.47 -10.01
C TRP A 268 -8.91 -20.71 -9.80
N ASP A 269 -8.87 -21.63 -10.77
CA ASP A 269 -9.53 -22.94 -10.63
C ASP A 269 -9.06 -23.66 -9.36
N VAL A 270 -7.74 -23.67 -9.10
CA VAL A 270 -7.20 -24.31 -7.89
C VAL A 270 -7.64 -23.57 -6.62
N LEU A 271 -7.64 -22.24 -6.68
CA LEU A 271 -8.09 -21.42 -5.54
C LEU A 271 -9.56 -21.67 -5.19
N GLU A 272 -10.41 -21.75 -6.21
CA GLU A 272 -11.83 -22.03 -6.00
C GLU A 272 -12.07 -23.40 -5.38
N ARG A 273 -11.44 -24.44 -5.93
CA ARG A 273 -11.53 -25.78 -5.36
C ARG A 273 -11.02 -25.82 -3.92
N GLU A 274 -10.02 -25.02 -3.62
CA GLU A 274 -9.43 -24.93 -2.29
C GLU A 274 -10.32 -24.12 -1.32
N GLY A 275 -11.25 -23.35 -1.85
CA GLY A 275 -12.18 -22.55 -1.04
C GLY A 275 -11.80 -21.08 -0.85
N PHE A 276 -10.88 -20.58 -1.68
CA PHE A 276 -10.42 -19.18 -1.63
C PHE A 276 -9.84 -18.77 -0.27
N SER A 277 -9.24 -19.71 0.48
CA SER A 277 -8.78 -19.42 1.85
C SER A 277 -7.75 -18.30 1.91
N PHE A 278 -6.90 -18.20 0.89
CA PHE A 278 -5.90 -17.15 0.81
C PHE A 278 -6.56 -15.78 0.86
N TRP A 279 -7.63 -15.61 0.09
CA TRP A 279 -8.34 -14.34 0.04
C TRP A 279 -9.10 -14.03 1.34
N ILE A 280 -9.69 -15.05 1.95
CA ILE A 280 -10.41 -14.85 3.21
C ILE A 280 -9.41 -14.36 4.26
N ARG A 281 -8.31 -15.08 4.41
CA ARG A 281 -7.20 -14.69 5.30
C ARG A 281 -6.65 -13.29 5.01
N ARG A 282 -6.40 -12.98 3.74
CA ARG A 282 -5.88 -11.65 3.37
C ARG A 282 -6.82 -10.53 3.83
N LEU A 283 -8.11 -10.71 3.55
CA LEU A 283 -9.10 -9.70 3.91
C LEU A 283 -9.25 -9.63 5.43
N GLU A 284 -9.30 -10.79 6.09
CA GLU A 284 -9.29 -10.83 7.55
C GLU A 284 -8.13 -10.02 8.14
N LYS A 285 -6.93 -10.30 7.66
CA LYS A 285 -5.73 -9.64 8.17
C LYS A 285 -5.77 -8.13 7.89
N ALA A 286 -6.17 -7.77 6.68
CA ALA A 286 -6.33 -6.36 6.30
C ALA A 286 -7.32 -5.66 7.23
N LEU A 287 -8.39 -6.36 7.61
CA LEU A 287 -9.42 -5.77 8.48
C LEU A 287 -9.01 -5.67 9.95
N GLU A 288 -7.98 -6.41 10.33
CA GLU A 288 -7.32 -6.22 11.62
C GLU A 288 -6.55 -4.91 11.67
N LEU A 289 -5.99 -4.49 10.54
CA LEU A 289 -5.13 -3.31 10.51
C LEU A 289 -5.86 -2.06 10.08
N PHE A 290 -6.88 -2.22 9.25
CA PHE A 290 -7.53 -1.10 8.58
C PHE A 290 -9.05 -1.13 8.76
N HIS A 291 -9.67 0.02 8.58
CA HIS A 291 -11.13 0.15 8.60
C HIS A 291 -11.72 -0.03 7.21
N LEU A 292 -11.05 0.50 6.20
CA LEU A 292 -11.41 0.29 4.79
C LEU A 292 -10.18 -0.27 4.08
N VAL A 293 -10.37 -1.21 3.17
CA VAL A 293 -9.25 -1.71 2.38
C VAL A 293 -9.51 -1.52 0.89
N ARG A 294 -8.52 -0.99 0.19
N ARG A 294 -8.51 -1.03 0.19
CA ARG A 294 -8.59 -0.83 -1.24
CA ARG A 294 -8.62 -0.81 -1.24
C ARG A 294 -7.86 -1.98 -1.89
C ARG A 294 -7.81 -1.91 -1.95
N ILE A 295 -8.34 -2.47 -3.04
CA ILE A 295 -7.61 -3.48 -3.82
C ILE A 295 -7.11 -2.87 -5.11
N ASP A 296 -5.79 -2.82 -5.25
CA ASP A 296 -5.13 -2.34 -6.47
C ASP A 296 -5.51 -3.30 -7.58
N HIS A 297 -5.85 -2.73 -8.73
CA HIS A 297 -6.18 -3.49 -9.95
C HIS A 297 -7.40 -4.41 -9.79
N PHE A 298 -8.49 -3.86 -9.30
CA PHE A 298 -9.73 -4.57 -9.02
C PHE A 298 -10.30 -5.28 -10.26
N ARG A 299 -10.05 -4.71 -11.44
CA ARG A 299 -10.52 -5.29 -12.70
C ARG A 299 -9.97 -6.70 -12.92
N GLY A 300 -8.82 -7.00 -12.32
CA GLY A 300 -8.24 -8.35 -12.35
C GLY A 300 -9.10 -9.47 -11.78
N PHE A 301 -10.09 -9.11 -10.96
CA PHE A 301 -11.05 -10.10 -10.47
C PHE A 301 -12.04 -10.52 -11.57
N GLU A 302 -12.22 -9.65 -12.56
CA GLU A 302 -13.08 -9.96 -13.70
C GLU A 302 -12.25 -10.60 -14.81
N ALA A 303 -11.14 -9.97 -15.16
CA ALA A 303 -10.23 -10.51 -16.16
C ALA A 303 -8.85 -9.90 -16.01
N TYR A 304 -7.82 -10.70 -16.29
CA TYR A 304 -6.45 -10.23 -16.16
C TYR A 304 -5.64 -10.44 -17.43
N TRP A 305 -4.71 -9.51 -17.68
CA TRP A 305 -3.80 -9.60 -18.82
C TRP A 305 -2.68 -10.59 -18.50
N GLU A 306 -2.68 -11.72 -19.21
CA GLU A 306 -1.69 -12.78 -19.04
C GLU A 306 -0.52 -12.64 -20.02
N ILE A 307 0.66 -12.26 -19.50
CA ILE A 307 1.85 -12.03 -20.30
C ILE A 307 2.74 -13.27 -20.28
N PRO A 308 3.13 -13.82 -21.44
CA PRO A 308 4.09 -14.91 -21.41
C PRO A 308 5.41 -14.51 -20.76
N ALA A 309 5.96 -15.39 -19.92
CA ALA A 309 7.20 -15.08 -19.19
C ALA A 309 8.37 -14.67 -20.13
N SER A 310 8.43 -15.30 -21.31
CA SER A 310 9.51 -15.04 -22.28
C SER A 310 9.38 -13.71 -23.02
N CYS A 311 8.34 -12.93 -22.71
CA CYS A 311 8.12 -11.62 -23.28
C CYS A 311 8.66 -10.54 -22.34
N PRO A 312 9.61 -9.71 -22.79
CA PRO A 312 10.25 -8.71 -21.91
C PRO A 312 9.40 -7.47 -21.60
N THR A 313 8.30 -7.29 -22.34
CA THR A 313 7.38 -6.18 -22.14
C THR A 313 5.97 -6.74 -21.94
N ALA A 314 4.97 -5.87 -21.96
CA ALA A 314 3.57 -6.25 -21.76
C ALA A 314 2.78 -6.35 -23.06
N VAL A 315 3.47 -6.36 -24.21
CA VAL A 315 2.80 -6.29 -25.52
C VAL A 315 2.15 -7.62 -25.92
N GLU A 316 2.87 -8.71 -25.74
CA GLU A 316 2.33 -10.06 -26.00
C GLU A 316 1.45 -10.48 -24.81
N GLY A 317 0.40 -11.25 -25.11
CA GLY A 317 -0.47 -11.78 -24.07
C GLY A 317 -1.93 -11.91 -24.45
N ARG A 318 -2.79 -12.00 -23.44
CA ARG A 318 -4.22 -12.18 -23.64
C ARG A 318 -5.00 -11.91 -22.36
N TRP A 319 -6.29 -11.62 -22.50
CA TRP A 319 -7.16 -11.46 -21.36
C TRP A 319 -7.71 -12.81 -20.96
N VAL A 320 -7.66 -13.11 -19.67
CA VAL A 320 -8.19 -14.36 -19.14
C VAL A 320 -9.20 -14.05 -18.04
N LYS A 321 -10.34 -14.72 -18.07
CA LYS A 321 -11.42 -14.43 -17.14
C LYS A 321 -11.09 -15.01 -15.78
N ALA A 322 -11.52 -14.32 -14.74
CA ALA A 322 -11.32 -14.77 -13.37
C ALA A 322 -12.68 -14.80 -12.69
N PRO A 323 -12.85 -15.69 -11.70
CA PRO A 323 -14.12 -15.88 -11.01
C PRO A 323 -14.42 -14.84 -9.92
N GLY A 324 -14.34 -13.55 -10.27
CA GLY A 324 -14.58 -12.46 -9.33
C GLY A 324 -15.94 -12.55 -8.66
N GLU A 325 -16.96 -12.86 -9.46
CA GLU A 325 -18.31 -13.05 -8.96
C GLU A 325 -18.34 -14.14 -7.89
N LYS A 326 -17.76 -15.30 -8.20
CA LYS A 326 -17.65 -16.40 -7.23
C LYS A 326 -16.91 -15.99 -5.95
N LEU A 327 -15.79 -15.30 -6.10
CA LEU A 327 -14.98 -14.89 -4.94
C LEU A 327 -15.76 -13.93 -4.03
N PHE A 328 -16.42 -12.94 -4.62
CA PHE A 328 -17.07 -11.90 -3.82
C PHE A 328 -18.39 -12.38 -3.21
N GLN A 329 -19.07 -13.33 -3.86
CA GLN A 329 -20.18 -14.02 -3.21
C GLN A 329 -19.68 -14.71 -1.93
N LYS A 330 -18.54 -15.40 -2.04
CA LYS A 330 -17.96 -16.11 -0.89
C LYS A 330 -17.55 -15.14 0.22
N ILE A 331 -16.90 -14.04 -0.15
CA ILE A 331 -16.52 -13.02 0.81
C ILE A 331 -17.75 -12.49 1.53
N GLN A 332 -18.80 -12.20 0.76
CA GLN A 332 -20.03 -11.65 1.32
C GLN A 332 -20.72 -12.60 2.30
N GLU A 333 -20.82 -13.87 1.94
CA GLU A 333 -21.51 -14.83 2.80
C GLU A 333 -20.71 -15.21 4.06
N VAL A 334 -19.45 -14.79 4.13
CA VAL A 334 -18.52 -15.19 5.18
C VAL A 334 -18.07 -14.00 6.06
N PHE A 335 -17.99 -12.81 5.46
CA PHE A 335 -17.68 -11.58 6.18
C PHE A 335 -18.95 -10.77 6.46
N GLY A 336 -19.99 -10.96 5.67
CA GLY A 336 -21.20 -10.16 5.79
C GLY A 336 -21.26 -9.03 4.79
N GLU A 337 -20.55 -7.94 5.08
CA GLU A 337 -20.62 -6.73 4.25
C GLU A 337 -19.25 -6.23 3.79
N VAL A 338 -19.05 -6.23 2.48
CA VAL A 338 -17.75 -6.01 1.83
C VAL A 338 -17.20 -4.58 2.10
N PRO A 339 -16.20 -4.44 2.99
CA PRO A 339 -15.69 -3.12 3.37
C PRO A 339 -14.52 -2.67 2.47
N VAL A 340 -14.63 -2.99 1.18
CA VAL A 340 -13.55 -2.85 0.21
C VAL A 340 -13.80 -1.66 -0.74
N LEU A 341 -12.71 -1.03 -1.16
CA LEU A 341 -12.71 0.01 -2.18
C LEU A 341 -12.05 -0.56 -3.43
N ALA A 342 -12.65 -0.31 -4.58
CA ALA A 342 -12.13 -0.82 -5.83
C ALA A 342 -11.23 0.23 -6.48
N GLU A 343 -10.00 -0.18 -6.80
CA GLU A 343 -9.11 0.63 -7.64
C GLU A 343 -9.48 0.30 -9.08
N ASP A 344 -10.32 1.15 -9.66
CA ASP A 344 -10.92 0.89 -10.96
C ASP A 344 -10.45 1.91 -11.99
N LEU A 345 -9.14 2.16 -11.98
CA LEU A 345 -8.53 3.03 -12.97
C LEU A 345 -7.90 2.17 -14.05
N GLY A 346 -7.70 2.77 -15.20
CA GLY A 346 -7.16 2.09 -16.37
C GLY A 346 -8.29 1.77 -17.32
N VAL A 347 -8.09 0.74 -18.13
CA VAL A 347 -9.08 0.30 -19.09
C VAL A 347 -10.16 -0.47 -18.35
N ILE A 348 -11.33 0.13 -18.22
CA ILE A 348 -12.45 -0.45 -17.49
C ILE A 348 -13.63 -0.71 -18.43
N THR A 349 -14.09 -1.96 -18.43
CA THR A 349 -15.20 -2.40 -19.27
C THR A 349 -16.49 -2.43 -18.45
N PRO A 350 -17.65 -2.53 -19.13
CA PRO A 350 -18.91 -2.71 -18.43
C PRO A 350 -18.95 -3.88 -17.44
N GLU A 351 -18.27 -4.98 -17.77
CA GLU A 351 -18.23 -6.14 -16.89
C GLU A 351 -17.49 -5.88 -15.56
N VAL A 352 -16.47 -5.03 -15.59
CA VAL A 352 -15.75 -4.66 -14.37
C VAL A 352 -16.67 -3.80 -13.50
N GLU A 353 -17.30 -2.81 -14.13
CA GLU A 353 -18.24 -1.89 -13.46
C GLU A 353 -19.41 -2.61 -12.79
N ALA A 354 -19.97 -3.61 -13.46
CA ALA A 354 -21.11 -4.37 -12.93
C ALA A 354 -20.70 -5.22 -11.72
N LEU A 355 -19.52 -5.83 -11.79
CA LEU A 355 -18.94 -6.55 -10.64
C LEU A 355 -18.72 -5.62 -9.44
N ARG A 356 -18.14 -4.47 -9.72
CA ARG A 356 -17.94 -3.43 -8.71
C ARG A 356 -19.28 -3.01 -8.09
N ASP A 357 -20.28 -2.75 -8.93
CA ASP A 357 -21.54 -2.19 -8.46
C ASP A 357 -22.40 -3.24 -7.77
N ARG A 358 -22.35 -4.47 -8.28
CA ARG A 358 -23.06 -5.60 -7.68
C ARG A 358 -22.73 -5.74 -6.21
N PHE A 359 -21.47 -5.55 -5.83
CA PHE A 359 -21.09 -5.73 -4.42
C PHE A 359 -20.98 -4.42 -3.62
N GLY A 360 -21.49 -3.33 -4.20
CA GLY A 360 -21.53 -2.04 -3.50
C GLY A 360 -20.17 -1.39 -3.28
N LEU A 361 -19.19 -1.72 -4.11
CA LEU A 361 -17.82 -1.25 -3.90
C LEU A 361 -17.63 0.16 -4.48
N PRO A 362 -17.21 1.14 -3.64
CA PRO A 362 -16.87 2.44 -4.18
C PRO A 362 -15.64 2.37 -5.07
N GLY A 363 -15.70 3.10 -6.18
CA GLY A 363 -14.57 3.21 -7.08
C GLY A 363 -13.83 4.50 -6.82
N MET A 364 -12.95 4.86 -7.75
CA MET A 364 -12.08 6.00 -7.60
C MET A 364 -12.22 6.96 -8.77
N LYS A 365 -11.85 8.21 -8.52
CA LYS A 365 -11.74 9.25 -9.54
C LYS A 365 -10.45 10.02 -9.31
N VAL A 366 -9.73 10.32 -10.40
CA VAL A 366 -8.45 11.04 -10.35
C VAL A 366 -8.53 12.27 -11.23
N LEU A 367 -8.42 13.44 -10.60
CA LEU A 367 -8.66 14.71 -11.28
C LEU A 367 -7.59 15.08 -12.30
N GLN A 368 -6.36 14.62 -12.07
CA GLN A 368 -5.28 14.78 -13.05
C GLN A 368 -5.62 14.16 -14.41
N PHE A 369 -6.52 13.18 -14.43
CA PHE A 369 -6.94 12.52 -15.67
C PHE A 369 -8.18 13.16 -16.32
N ALA A 370 -8.70 14.25 -15.75
CA ALA A 370 -10.06 14.71 -16.10
C ALA A 370 -10.13 15.74 -17.22
N PHE A 371 -9.00 16.25 -17.67
CA PHE A 371 -9.00 17.47 -18.45
C PHE A 371 -8.39 17.33 -19.83
N ASP A 372 -8.06 16.11 -20.22
CA ASP A 372 -7.39 15.86 -21.49
C ASP A 372 -8.36 15.59 -22.64
N SUI A 373 -9.65 15.50 -22.53
CA SUI A 373 -10.62 15.44 -23.50
CB SUI A 373 -11.40 14.15 -23.31
CG SUI A 373 -12.83 14.59 -23.35
OD SUI A 373 -13.77 13.81 -23.26
C1 SUI A 373 -11.69 16.51 -23.53
O1 SUI A 373 -11.45 17.71 -23.59
N2 SUI A 373 -12.91 15.93 -23.48
C2A SUI A 373 -14.02 16.60 -23.39
C SUI A 373 -14.89 16.65 -22.15
O SUI A 373 -14.39 16.13 -21.12
N MET A 374 -16.14 17.04 -22.22
CA MET A 374 -17.00 17.07 -21.04
C MET A 374 -17.54 15.69 -20.64
N GLU A 375 -17.34 14.69 -21.49
CA GLU A 375 -17.76 13.31 -21.19
C GLU A 375 -16.74 12.53 -20.35
N ASN A 376 -15.56 13.11 -20.12
CA ASN A 376 -14.52 12.45 -19.31
C ASN A 376 -15.10 12.04 -17.94
N PRO A 377 -15.04 10.74 -17.61
CA PRO A 377 -15.61 10.20 -16.35
C PRO A 377 -14.98 10.74 -15.06
N PHE A 378 -13.80 11.34 -15.16
CA PHE A 378 -13.11 11.87 -13.99
C PHE A 378 -13.49 13.31 -13.69
N LEU A 379 -14.30 13.92 -14.56
CA LEU A 379 -14.92 15.21 -14.26
C LEU A 379 -16.08 15.06 -13.28
N PRO A 380 -16.08 15.85 -12.18
CA PRO A 380 -17.07 15.78 -11.10
C PRO A 380 -18.53 15.70 -11.54
N HIS A 381 -18.90 16.39 -12.63
CA HIS A 381 -20.32 16.39 -13.04
C HIS A 381 -20.75 15.04 -13.60
N ASN A 382 -19.78 14.16 -13.90
CA ASN A 382 -20.06 12.80 -14.38
C ASN A 382 -19.99 11.71 -13.28
N TYR A 383 -19.73 12.10 -12.04
CA TYR A 383 -19.64 11.14 -10.94
C TYR A 383 -21.03 10.57 -10.64
N PRO A 384 -21.10 9.40 -9.97
CA PRO A 384 -22.41 8.80 -9.70
C PRO A 384 -23.22 9.65 -8.75
N ALA A 385 -24.51 9.81 -9.03
CA ALA A 385 -25.43 10.53 -8.16
C ALA A 385 -25.38 10.02 -6.72
N HIS A 386 -25.23 8.70 -6.56
CA HIS A 386 -25.17 8.09 -5.22
C HIS A 386 -23.89 8.45 -4.44
N GLY A 387 -22.88 8.98 -5.15
CA GLY A 387 -21.73 9.60 -4.52
C GLY A 387 -20.69 8.62 -4.02
N ARG A 388 -20.95 7.32 -4.14
CA ARG A 388 -20.06 6.30 -3.63
C ARG A 388 -18.83 6.13 -4.50
N VAL A 389 -17.95 7.14 -4.43
CA VAL A 389 -16.65 7.17 -5.07
C VAL A 389 -15.68 7.91 -4.18
N VAL A 390 -14.39 7.60 -4.35
CA VAL A 390 -13.31 8.34 -3.71
C VAL A 390 -12.61 9.19 -4.78
N VAL A 391 -12.59 10.50 -4.57
CA VAL A 391 -11.89 11.40 -5.49
C VAL A 391 -10.50 11.79 -4.98
N TYR A 392 -9.52 11.72 -5.87
CA TYR A 392 -8.14 12.12 -5.59
C TYR A 392 -7.74 13.20 -6.56
N THR A 393 -6.83 14.06 -6.17
CA THR A 393 -6.13 14.90 -7.15
C THR A 393 -5.24 13.97 -7.98
N GLY A 394 -4.38 13.26 -7.25
CA GLY A 394 -3.55 12.19 -7.81
C GLY A 394 -3.36 11.12 -6.75
N THR A 395 -2.92 9.93 -7.19
CA THR A 395 -2.52 8.88 -6.26
C THR A 395 -1.01 8.88 -6.10
N HIS A 396 -0.52 7.91 -5.34
CA HIS A 396 0.92 7.68 -5.19
C HIS A 396 1.62 7.35 -6.52
N ASP A 397 0.85 6.89 -7.51
CA ASP A 397 1.38 6.61 -8.86
C ASP A 397 1.41 7.82 -9.78
N ASN A 398 0.71 8.88 -9.41
CA ASN A 398 0.73 10.11 -10.18
C ASN A 398 1.85 10.99 -9.66
N ASP A 399 2.25 11.94 -10.49
CA ASP A 399 3.11 13.02 -10.03
C ASP A 399 2.32 13.83 -8.99
N THR A 400 3.02 14.70 -8.27
CA THR A 400 2.33 15.70 -7.47
C THR A 400 1.49 16.53 -8.46
N THR A 401 0.44 17.16 -7.96
CA THR A 401 -0.45 17.89 -8.84
C THR A 401 0.25 19.11 -9.46
N LEU A 402 1.13 19.79 -8.72
CA LEU A 402 1.90 20.89 -9.29
C LEU A 402 2.87 20.37 -10.36
N GLY A 403 3.51 19.24 -10.09
CA GLY A 403 4.36 18.57 -11.08
C GLY A 403 3.61 18.19 -12.33
N TRP A 404 2.46 17.54 -12.16
CA TRP A 404 1.59 17.19 -13.29
C TRP A 404 1.18 18.41 -14.12
N TYR A 405 0.86 19.51 -13.45
CA TYR A 405 0.40 20.70 -14.11
C TYR A 405 1.52 21.32 -14.98
N ARG A 406 2.75 21.32 -14.46
CA ARG A 406 3.90 21.87 -15.20
C ARG A 406 4.16 21.16 -16.53
N THR A 407 3.90 19.85 -16.60
CA THR A 407 4.04 19.11 -17.86
C THR A 407 2.72 18.86 -18.58
N ALA A 408 1.61 19.37 -18.07
CA ALA A 408 0.32 19.18 -18.74
C ALA A 408 0.30 19.87 -20.11
N THR A 409 -0.45 19.32 -21.04
CA THR A 409 -0.58 19.92 -22.38
C THR A 409 -1.34 21.24 -22.29
N PRO A 410 -1.10 22.17 -23.24
CA PRO A 410 -1.86 23.42 -23.26
C PRO A 410 -3.39 23.24 -23.24
N HIS A 411 -3.91 22.24 -23.95
CA HIS A 411 -5.35 22.04 -23.99
C HIS A 411 -5.89 21.60 -22.63
N GLU A 412 -5.14 20.73 -21.95
CA GLU A 412 -5.48 20.32 -20.58
C GLU A 412 -5.55 21.51 -19.62
N LYS A 413 -4.50 22.32 -19.65
CA LYS A 413 -4.41 23.48 -18.77
C LYS A 413 -5.54 24.48 -19.01
N ALA A 414 -5.87 24.74 -20.27
CA ALA A 414 -6.94 25.69 -20.63
C ALA A 414 -8.31 25.15 -20.22
N PHE A 415 -8.56 23.89 -20.51
CA PHE A 415 -9.82 23.27 -20.12
C PHE A 415 -9.95 23.17 -18.59
N MET A 416 -8.85 22.84 -17.91
CA MET A 416 -8.86 22.79 -16.45
C MET A 416 -9.27 24.15 -15.87
N ALA A 417 -8.67 25.24 -16.35
CA ALA A 417 -9.03 26.58 -15.85
C ALA A 417 -10.50 26.92 -16.08
N ARG A 418 -11.00 26.62 -17.28
CA ARG A 418 -12.38 26.89 -17.64
C ARG A 418 -13.35 26.03 -16.79
N TYR A 419 -13.06 24.75 -16.71
CA TYR A 419 -13.92 23.86 -15.93
C TYR A 419 -13.93 24.32 -14.46
N LEU A 420 -12.77 24.66 -13.92
CA LEU A 420 -12.73 25.16 -12.56
C LEU A 420 -13.61 26.42 -12.42
N ALA A 421 -13.49 27.33 -13.38
CA ALA A 421 -14.28 28.57 -13.37
C ALA A 421 -15.79 28.30 -13.38
N ASP A 422 -16.23 27.25 -14.08
CA ASP A 422 -17.63 26.82 -14.09
C ASP A 422 -18.10 26.39 -12.71
N TRP A 423 -17.17 25.93 -11.87
CA TRP A 423 -17.46 25.52 -10.51
C TRP A 423 -17.17 26.64 -9.50
N GLY A 424 -16.90 27.84 -10.02
CA GLY A 424 -16.60 29.02 -9.19
C GLY A 424 -15.18 29.16 -8.69
N ILE A 425 -14.30 28.26 -9.12
CA ILE A 425 -12.93 28.17 -8.62
C ILE A 425 -11.94 28.83 -9.57
N THR A 426 -11.18 29.78 -9.03
CA THR A 426 -10.18 30.51 -9.79
C THR A 426 -8.82 30.46 -9.07
N PHE A 427 -7.76 30.66 -9.84
CA PHE A 427 -6.40 30.72 -9.30
C PHE A 427 -5.56 31.68 -10.16
N ARG A 428 -4.50 32.22 -9.58
CA ARG A 428 -3.60 33.14 -10.27
C ARG A 428 -2.25 32.50 -10.58
N GLU A 429 -1.71 31.77 -9.62
CA GLU A 429 -0.38 31.16 -9.73
C GLU A 429 -0.48 29.63 -9.92
N GLU A 430 0.45 29.06 -10.68
CA GLU A 430 0.45 27.61 -10.91
C GLU A 430 0.59 26.82 -9.60
N GLU A 431 1.30 27.38 -8.63
CA GLU A 431 1.43 26.79 -7.30
C GLU A 431 0.07 26.66 -6.58
N GLU A 432 -0.91 27.45 -7.01
CA GLU A 432 -2.27 27.38 -6.45
C GLU A 432 -3.14 26.28 -7.06
N VAL A 433 -2.69 25.66 -8.16
CA VAL A 433 -3.45 24.62 -8.85
C VAL A 433 -3.79 23.39 -7.99
N PRO A 434 -2.83 22.88 -7.20
CA PRO A 434 -3.13 21.77 -6.27
C PRO A 434 -4.33 22.03 -5.33
N TRP A 435 -4.36 23.21 -4.71
CA TRP A 435 -5.49 23.60 -3.85
C TRP A 435 -6.77 23.87 -4.65
N ALA A 436 -6.64 24.45 -5.84
CA ALA A 436 -7.82 24.64 -6.69
C ALA A 436 -8.45 23.28 -7.03
N LEU A 437 -7.62 22.30 -7.36
CA LEU A 437 -8.13 20.94 -7.67
C LEU A 437 -8.65 20.21 -6.44
N MET A 438 -8.01 20.41 -5.30
CA MET A 438 -8.53 19.89 -4.04
C MET A 438 -9.89 20.49 -3.71
N HIS A 439 -10.06 21.77 -4.03
CA HIS A 439 -11.34 22.44 -3.83
C HIS A 439 -12.41 21.83 -4.72
N LEU A 440 -12.07 21.65 -5.99
CA LEU A 440 -12.97 21.01 -6.95
C LEU A 440 -13.42 19.64 -6.48
N GLY A 441 -12.47 18.82 -6.02
CA GLY A 441 -12.80 17.50 -5.50
C GLY A 441 -13.76 17.58 -4.32
N MET A 442 -13.51 18.53 -3.42
CA MET A 442 -14.38 18.70 -2.26
C MET A 442 -15.77 19.23 -2.61
N LYS A 443 -15.88 19.99 -3.70
CA LYS A 443 -17.17 20.54 -4.14
C LYS A 443 -18.04 19.46 -4.74
N SER A 444 -17.40 18.41 -5.27
CA SER A 444 -18.08 17.33 -5.97
C SER A 444 -18.94 16.47 -5.05
N VAL A 445 -19.66 15.55 -5.66
CA VAL A 445 -20.58 14.67 -4.95
C VAL A 445 -19.87 13.43 -4.34
N ALA A 446 -18.59 13.23 -4.66
CA ALA A 446 -17.83 12.13 -4.08
C ALA A 446 -17.89 12.16 -2.57
N ARG A 447 -18.34 11.07 -1.97
CA ARG A 447 -18.44 10.98 -0.51
C ARG A 447 -17.11 11.27 0.18
N LEU A 448 -16.03 10.73 -0.40
CA LEU A 448 -14.69 10.87 0.15
C LEU A 448 -13.76 11.55 -0.85
N ALA A 449 -13.11 12.61 -0.37
CA ALA A 449 -12.03 13.29 -1.07
C ALA A 449 -10.74 13.04 -0.30
N VAL A 450 -9.81 12.32 -0.90
CA VAL A 450 -8.54 11.97 -0.26
C VAL A 450 -7.38 12.52 -1.09
N TYR A 451 -6.52 13.28 -0.42
CA TYR A 451 -5.48 14.00 -1.09
C TYR A 451 -4.10 13.64 -0.54
N PRO A 452 -3.14 13.48 -1.45
CA PRO A 452 -1.76 13.28 -1.04
C PRO A 452 -1.26 14.51 -0.33
N VAL A 453 -0.54 14.29 0.77
CA VAL A 453 0.00 15.40 1.54
C VAL A 453 0.87 16.33 0.70
N GLN A 454 1.53 15.80 -0.33
CA GLN A 454 2.38 16.63 -1.22
C GLN A 454 1.59 17.72 -1.92
N ASP A 455 0.31 17.48 -2.16
CA ASP A 455 -0.55 18.49 -2.80
C ASP A 455 -1.04 19.55 -1.82
N VAL A 456 -1.28 19.14 -0.57
CA VAL A 456 -1.48 20.10 0.53
C VAL A 456 -0.29 21.05 0.65
N LEU A 457 0.92 20.53 0.47
CA LEU A 457 2.13 21.36 0.51
C LEU A 457 2.46 22.01 -0.82
N ALA A 458 1.70 21.69 -1.87
CA ALA A 458 1.96 22.17 -3.23
C ALA A 458 3.41 21.95 -3.65
N LEU A 459 3.90 20.74 -3.49
CA LEU A 459 5.27 20.39 -3.90
C LEU A 459 5.30 19.95 -5.35
N GLY A 460 6.45 20.19 -5.97
CA GLY A 460 6.67 19.78 -7.35
C GLY A 460 7.06 18.32 -7.47
N SER A 461 7.55 17.97 -8.66
CA SER A 461 7.82 16.60 -9.05
C SER A 461 8.87 15.86 -8.21
N GLU A 462 9.72 16.60 -7.50
CA GLU A 462 10.71 15.99 -6.63
C GLU A 462 10.08 15.22 -5.47
N ALA A 463 8.85 15.58 -5.09
CA ALA A 463 8.14 14.91 -4.00
C ALA A 463 7.22 13.79 -4.48
N ARG A 464 7.30 13.47 -5.77
CA ARG A 464 6.51 12.38 -6.34
C ARG A 464 6.87 11.08 -5.66
N MET A 465 5.84 10.34 -5.24
CA MET A 465 6.05 9.10 -4.49
C MET A 465 6.48 7.93 -5.39
N ASN A 466 5.74 7.68 -6.47
CA ASN A 466 6.11 6.65 -7.43
C ASN A 466 5.93 7.10 -8.88
N TYR A 467 6.86 6.68 -9.73
CA TYR A 467 6.79 6.92 -11.17
C TYR A 467 6.71 5.53 -11.81
N PRO A 468 5.49 5.08 -12.15
CA PRO A 468 5.33 3.69 -12.63
C PRO A 468 6.16 3.40 -13.86
N GLY A 469 6.89 2.29 -13.82
CA GLY A 469 7.78 1.92 -14.92
C GLY A 469 9.23 2.05 -14.51
N ARG A 470 9.57 3.16 -13.87
N ARG A 470 9.59 3.16 -13.87
CA ARG A 470 10.91 3.35 -13.31
CA ARG A 470 10.95 3.35 -13.39
C ARG A 470 11.13 2.41 -12.13
C ARG A 470 11.20 2.51 -12.12
N PRO A 471 12.20 1.59 -12.17
CA PRO A 471 12.51 0.73 -11.01
C PRO A 471 13.14 1.41 -9.78
N SER A 472 13.69 2.62 -9.92
CA SER A 472 14.44 3.26 -8.81
C SER A 472 14.05 4.72 -8.52
N GLY A 473 14.35 5.18 -7.30
CA GLY A 473 14.05 6.56 -6.88
C GLY A 473 12.67 6.74 -6.25
N ASN A 474 11.91 5.65 -6.19
CA ASN A 474 10.53 5.69 -5.71
C ASN A 474 10.37 5.42 -4.21
N TRP A 475 9.20 5.76 -3.70
CA TRP A 475 8.75 5.49 -2.32
C TRP A 475 9.60 6.19 -1.26
N ALA A 476 10.30 7.24 -1.68
CA ALA A 476 11.34 7.84 -0.85
C ALA A 476 10.93 9.18 -0.23
N TRP A 477 9.89 9.84 -0.74
CA TRP A 477 9.55 11.18 -0.23
C TRP A 477 9.17 11.16 1.26
N ARG A 478 9.71 12.13 2.00
CA ARG A 478 9.38 12.31 3.40
C ARG A 478 9.05 13.77 3.69
N LEU A 479 8.12 13.96 4.63
CA LEU A 479 7.87 15.25 5.23
C LEU A 479 9.09 15.74 6.01
N LEU A 480 9.31 17.04 6.01
CA LEU A 480 10.25 17.65 6.95
C LEU A 480 9.50 18.01 8.22
N PRO A 481 10.22 18.10 9.36
CA PRO A 481 9.54 18.44 10.62
C PRO A 481 8.95 19.83 10.53
N GLY A 482 7.69 19.98 10.93
CA GLY A 482 7.01 21.28 10.90
C GLY A 482 6.48 21.73 9.54
N GLU A 483 6.80 20.99 8.48
CA GLU A 483 6.43 21.36 7.11
C GLU A 483 4.91 21.39 6.97
N LEU A 484 4.27 20.37 7.52
CA LEU A 484 2.82 20.30 7.57
C LEU A 484 2.35 21.10 8.79
N SER A 485 1.97 22.36 8.54
CA SER A 485 1.79 23.37 9.58
C SER A 485 0.36 23.49 10.08
N PRO A 486 0.17 24.12 11.26
CA PRO A 486 -1.19 24.46 11.70
C PRO A 486 -2.00 25.25 10.67
N GLU A 487 -1.33 26.08 9.85
CA GLU A 487 -2.02 26.86 8.83
C GLU A 487 -2.55 25.97 7.70
N HIS A 488 -1.78 24.94 7.31
CA HIS A 488 -2.26 23.97 6.34
C HIS A 488 -3.53 23.29 6.85
N GLY A 489 -3.52 22.91 8.12
CA GLY A 489 -4.66 22.26 8.75
C GLY A 489 -5.89 23.15 8.79
N ALA A 490 -5.68 24.43 9.10
CA ALA A 490 -6.78 25.40 9.17
C ALA A 490 -7.40 25.63 7.79
N ARG A 491 -6.57 25.61 6.75
CA ARG A 491 -7.04 25.74 5.38
C ARG A 491 -7.80 24.51 4.90
N LEU A 492 -7.37 23.32 5.34
CA LEU A 492 -8.09 22.10 5.00
C LEU A 492 -9.43 22.13 5.70
N ARG A 493 -9.43 22.58 6.95
CA ARG A 493 -10.64 22.61 7.74
C ARG A 493 -11.67 23.57 7.16
N ALA A 494 -11.23 24.76 6.77
CA ALA A 494 -12.12 25.74 6.12
C ALA A 494 -12.75 25.19 4.86
N MET A 495 -11.96 24.47 4.05
CA MET A 495 -12.45 23.89 2.79
C MET A 495 -13.47 22.79 3.04
N ALA A 496 -13.23 21.96 4.05
CA ALA A 496 -14.16 20.89 4.41
C ALA A 496 -15.46 21.49 4.97
N GLU A 497 -15.33 22.52 5.80
CA GLU A 497 -16.49 23.25 6.29
C GLU A 497 -17.30 23.87 5.14
N ALA A 498 -16.60 24.42 4.15
CA ALA A 498 -17.25 25.10 3.03
C ALA A 498 -17.87 24.15 2.01
N THR A 499 -17.66 22.85 2.16
CA THR A 499 -18.15 21.86 1.20
C THR A 499 -18.90 20.71 1.88
N GLU A 500 -19.45 20.96 3.07
CA GLU A 500 -20.26 19.98 3.82
C GLU A 500 -19.52 18.65 4.05
N ARG A 501 -18.25 18.75 4.44
CA ARG A 501 -17.39 17.56 4.66
C ARG A 501 -16.85 17.47 6.08
N LEU A 502 -17.32 18.35 6.96
CA LEU A 502 -16.87 18.37 8.33
C LEU A 502 -17.96 17.77 9.20
C1 GLC B . -0.69 -1.04 -8.05
C2 GLC B . 0.06 0.18 -7.47
C3 GLC B . 1.35 0.50 -8.22
C4 GLC B . 2.16 -0.79 -8.43
C5 GLC B . 1.27 -1.79 -9.15
C6 GLC B . 1.97 -3.08 -9.58
O2 GLC B . -0.83 1.30 -7.45
O3 GLC B . 2.11 1.45 -7.50
O4 GLC B . 3.30 -0.55 -9.24
O5 GLC B . 0.20 -2.10 -8.28
O6 GLC B . 2.61 -3.70 -8.47
C1 AC1 B . 4.50 -0.15 -8.56
O2 AC1 B . 4.57 1.35 -10.42
C2 AC1 B . 5.39 0.51 -9.62
C4A AC1 B . 8.62 -4.38 -13.67
C3 AC1 B . 6.09 -0.52 -10.51
O3 AC1 B . 7.02 0.08 -11.40
C4 AC1 B . 6.78 -1.55 -9.60
N4A AC1 B . 7.63 -2.45 -10.37
C5 AC1 B . 5.70 -2.24 -8.75
O5 AC1 B . 5.14 -1.26 -7.89
C6 AC1 B . 6.24 -3.38 -7.89
C1B AC1 B . 7.12 -3.49 -11.23
C2B AC1 B . 8.09 -4.69 -11.22
O2B AC1 B . 8.70 -4.84 -9.94
C3B AC1 B . 9.19 -4.53 -12.26
O3B AC1 B . 10.02 -5.69 -12.22
O4 AC1 B . 9.65 -4.01 -14.57
C5B AC1 B . 7.52 -3.35 -13.72
C7B AC1 B . 6.85 -2.95 -12.62
C6B AC1 B . 7.18 -2.72 -15.07
O6B AC1 B . 5.97 -1.98 -15.03
C1 G4D C . -2.79 0.33 -14.47
C2 G4D C . -3.78 -0.48 -13.61
C3 G4D C . -3.97 0.05 -12.19
C4 G4D C . -2.69 0.53 -11.56
C5 G4D C . -1.94 1.46 -12.50
C6 G4D C . -0.63 1.90 -11.84
O1 G4D C . -3.50 1.43 -15.07
O2 G4D C . -5.07 -0.49 -14.23
O3 G4D C . -4.50 -1.03 -11.42
O5 G4D C . -1.65 0.82 -13.75
O6 G4D C . 0.30 0.80 -11.76
C1 MLI D . 17.42 -8.97 6.60
C2 MLI D . 18.71 -8.55 5.94
C3 MLI D . 17.55 -10.38 7.11
O6 MLI D . 19.70 -8.28 6.67
O7 MLI D . 18.77 -8.50 4.70
O8 MLI D . 18.43 -10.62 7.96
O9 MLI D . 16.76 -11.24 6.68
C1 GOL E . -3.52 12.16 -18.83
O1 GOL E . -3.51 12.74 -20.12
C2 GOL E . -2.98 13.13 -17.79
O2 GOL E . -2.32 14.23 -18.37
C3 GOL E . -2.04 12.49 -16.77
O3 GOL E . -1.25 11.44 -17.31
C1 GOL F . 0.21 -5.32 4.07
O1 GOL F . -0.54 -4.22 4.53
C2 GOL F . 0.75 -6.18 5.21
O2 GOL F . 1.48 -7.25 4.66
C3 GOL F . -0.35 -6.70 6.14
O3 GOL F . -1.23 -7.65 5.53
#